data_6R47
#
_entry.id   6R47
#
_cell.length_a   94.309
_cell.length_b   94.309
_cell.length_c   96.031
_cell.angle_alpha   90.000
_cell.angle_beta   90.000
_cell.angle_gamma   120.000
#
_symmetry.space_group_name_H-M   'P 61'
#
loop_
_entity.id
_entity.type
_entity.pdbx_description
1 polymer 'RNA (50-MER)'
2 polymer RNA
3 non-polymer 'MAGNESIUM ION'
4 water water
#
loop_
_entity_poly.entity_id
_entity_poly.type
_entity_poly.pdbx_seq_one_letter_code
_entity_poly.pdbx_strand_id
1 'polyribonucleotide' GGCCGUUCGGGCGGCCAUAAACAGCCCUCAGACC(CBV)GAAGCGUGGCGUUCC A
2 'polyribonucleotide' GGAACGCCGGUGGGA B
#